data_4RDU
#
_entry.id   4RDU
#
_cell.length_a   34.182
_cell.length_b   42.913
_cell.length_c   56.104
_cell.angle_alpha   84.130
_cell.angle_beta   77.330
_cell.angle_gamma   67.130
#
_symmetry.space_group_name_H-M   'P 1'
#
loop_
_entity.id
_entity.type
_entity.pdbx_description
1 polymer 'Homeobox protein DLX-5'
2 polymer (DC)(DG)(DA)(DC)(DT)(DA)(DA)(DT)(DT)(DA)(DG)(DT)(DC)(DG)
3 water water
#
loop_
_entity_poly.entity_id
_entity_poly.type
_entity_poly.pdbx_seq_one_letter_code
_entity_poly.pdbx_strand_id
1 'polypeptide(L)' GHMVRKPRTIYSSFQLAALQRRFQKTQYLALPERAELAASLGLTQTQVKIWFQNKRSKIKKIMKN A,D
2 'polydeoxyribonucleotide' (DC)(DG)(DA)(DC)(DT)(DA)(DA)(DT)(DT)(DA)(DG)(DT)(DC)(DG) B,C,E,F
#
# COMPACT_ATOMS: atom_id res chain seq x y z
N ARG A 5 16.97 24.31 4.74
CA ARG A 5 16.20 23.00 4.80
C ARG A 5 15.51 22.75 6.15
N LYS A 6 14.41 21.99 6.08
CA LYS A 6 13.62 21.55 7.24
C LYS A 6 14.54 20.70 8.15
N PRO A 7 14.48 20.96 9.46
CA PRO A 7 15.32 20.15 10.36
C PRO A 7 14.89 18.68 10.26
N ARG A 8 15.83 17.81 10.52
CA ARG A 8 15.56 16.39 10.36
C ARG A 8 14.64 15.91 11.48
N THR A 9 13.50 15.34 11.13
CA THR A 9 12.59 14.69 12.10
C THR A 9 13.28 13.56 12.84
N ILE A 10 12.99 13.44 14.13
CA ILE A 10 13.49 12.34 14.93
C ILE A 10 12.24 11.57 15.30
N TYR A 11 12.10 10.39 14.74
CA TYR A 11 10.95 9.57 15.02
C TYR A 11 11.20 8.87 16.35
N SER A 12 10.15 8.75 17.14
CA SER A 12 10.20 7.97 18.37
C SER A 12 10.13 6.50 17.99
N SER A 13 10.62 5.64 18.87
CA SER A 13 10.48 4.20 18.64
C SER A 13 9.03 3.79 18.33
N PHE A 14 8.03 4.43 18.96
CA PHE A 14 6.59 4.18 18.68
C PHE A 14 6.15 4.48 17.24
N GLN A 15 6.53 5.66 16.74
CA GLN A 15 6.23 6.04 15.37
C GLN A 15 6.95 5.12 14.38
N LEU A 16 8.23 4.81 14.61
CA LEU A 16 8.95 3.93 13.73
C LEU A 16 8.35 2.50 13.69
N ALA A 17 7.98 1.97 14.86
CA ALA A 17 7.36 0.63 14.93
C ALA A 17 6.07 0.62 14.13
N ALA A 18 5.27 1.66 14.31
CA ALA A 18 4.03 1.80 13.55
C ALA A 18 4.17 1.92 12.06
N LEU A 19 5.14 2.72 11.58
CA LEU A 19 5.41 2.89 10.19
C LEU A 19 5.90 1.56 9.60
N GLN A 20 6.82 0.95 10.31
CA GLN A 20 7.38 -0.34 9.87
C GLN A 20 6.28 -1.42 9.83
N ARG A 21 5.44 -1.52 10.87
CA ARG A 21 4.35 -2.49 10.85
C ARG A 21 3.40 -2.24 9.68
N ARG A 22 3.04 -0.98 9.43
CA ARG A 22 2.16 -0.66 8.32
CA ARG A 22 2.16 -0.66 8.30
C ARG A 22 2.85 -1.04 6.99
N PHE A 23 4.14 -0.75 6.86
CA PHE A 23 4.80 -0.99 5.58
C PHE A 23 4.84 -2.49 5.23
N GLN A 24 4.91 -3.34 6.23
CA GLN A 24 4.80 -4.81 6.02
C GLN A 24 3.54 -5.20 5.22
N LYS A 25 2.45 -4.48 5.40
CA LYS A 25 1.22 -4.76 4.70
C LYS A 25 0.88 -3.84 3.53
N THR A 26 1.35 -2.59 3.61
CA THR A 26 0.98 -1.53 2.66
C THR A 26 2.27 -0.77 2.25
N GLN A 27 2.78 -1.01 1.04
CA GLN A 27 4.00 -0.37 0.55
CA GLN A 27 3.99 -0.31 0.62
C GLN A 27 3.67 0.98 -0.10
N TYR A 28 2.45 1.08 -0.66
CA TYR A 28 1.94 2.36 -1.27
C TYR A 28 0.61 2.66 -0.56
N LEU A 29 0.50 3.86 -0.05
CA LEU A 29 -0.68 4.33 0.66
C LEU A 29 -1.65 5.09 -0.24
N ALA A 30 -2.94 4.80 -0.08
CA ALA A 30 -4.00 5.64 -0.69
C ALA A 30 -4.04 6.95 0.11
N LEU A 31 -4.50 8.03 -0.50
CA LEU A 31 -4.57 9.31 0.26
C LEU A 31 -5.27 9.24 1.63
N PRO A 32 -6.46 8.60 1.69
CA PRO A 32 -7.15 8.54 2.99
C PRO A 32 -6.38 7.74 4.04
N GLU A 33 -5.63 6.73 3.58
CA GLU A 33 -4.78 5.97 4.46
C GLU A 33 -3.64 6.76 5.00
N ARG A 34 -3.03 7.60 4.14
CA ARG A 34 -1.91 8.33 4.52
C ARG A 34 -2.41 9.36 5.58
N ALA A 35 -3.51 9.99 5.29
CA ALA A 35 -4.10 10.96 6.25
C ALA A 35 -4.36 10.32 7.62
N GLU A 36 -5.05 9.19 7.65
CA GLU A 36 -5.37 8.47 8.88
C GLU A 36 -4.12 8.05 9.65
N LEU A 37 -3.12 7.51 8.95
CA LEU A 37 -1.88 7.08 9.58
C LEU A 37 -1.05 8.22 10.19
N ALA A 38 -0.89 9.29 9.42
CA ALA A 38 -0.20 10.45 9.87
C ALA A 38 -0.87 11.04 11.16
N ALA A 39 -2.16 11.27 11.09
CA ALA A 39 -2.92 11.78 12.28
C ALA A 39 -2.77 10.86 13.51
N SER A 40 -2.76 9.54 13.29
CA SER A 40 -2.63 8.57 14.38
C SER A 40 -1.28 8.62 15.08
N LEU A 41 -0.28 9.17 14.40
CA LEU A 41 1.09 9.17 14.88
C LEU A 41 1.59 10.59 15.22
N GLY A 42 0.73 11.59 15.06
CA GLY A 42 1.14 12.93 15.36
C GLY A 42 2.11 13.45 14.34
N LEU A 43 1.94 13.01 13.10
CA LEU A 43 2.82 13.43 12.02
C LEU A 43 2.08 14.13 10.94
N THR A 44 2.80 14.91 10.13
CA THR A 44 2.21 15.36 8.89
C THR A 44 2.18 14.28 7.81
N GLN A 45 1.27 14.41 6.88
CA GLN A 45 1.27 13.59 5.68
C GLN A 45 2.54 13.70 4.90
N THR A 46 3.19 14.88 4.88
CA THR A 46 4.50 14.98 4.26
C THR A 46 5.58 14.15 4.92
N GLN A 47 5.61 14.16 6.23
CA GLN A 47 6.59 13.35 6.96
C GLN A 47 6.27 11.88 6.60
N VAL A 48 4.99 11.50 6.66
CA VAL A 48 4.66 10.05 6.28
C VAL A 48 5.04 9.71 4.82
N LYS A 49 4.72 10.59 3.88
CA LYS A 49 4.99 10.40 2.47
C LYS A 49 6.46 10.20 2.24
N ILE A 50 7.29 11.02 2.90
CA ILE A 50 8.76 10.95 2.73
C ILE A 50 9.32 9.70 3.36
N TRP A 51 8.73 9.26 4.47
CA TRP A 51 9.17 8.01 5.13
C TRP A 51 8.92 6.80 4.20
N PHE A 52 7.74 6.76 3.63
CA PHE A 52 7.41 5.74 2.61
C PHE A 52 8.29 5.80 1.36
N GLN A 53 8.61 6.98 0.82
CA GLN A 53 9.60 7.12 -0.24
C GLN A 53 10.93 6.54 0.16
N ASN A 54 11.42 6.92 1.33
CA ASN A 54 12.74 6.50 1.72
C ASN A 54 12.77 5.00 2.02
N LYS A 55 11.70 4.48 2.60
CA LYS A 55 11.64 3.04 2.91
C LYS A 55 11.60 2.21 1.62
N ARG A 56 10.85 2.66 0.58
CA ARG A 56 10.80 2.00 -0.69
C ARG A 56 12.17 2.03 -1.37
N SER A 57 12.88 3.13 -1.20
CA SER A 57 14.20 3.27 -1.74
C SER A 57 15.18 2.34 -1.04
N LYS A 58 15.04 2.17 0.27
CA LYS A 58 15.90 1.24 1.03
C LYS A 58 15.78 -0.19 0.45
N ILE A 59 14.56 -0.61 0.26
CA ILE A 59 14.26 -1.95 -0.33
C ILE A 59 14.83 -2.09 -1.74
N LYS A 60 14.66 -1.07 -2.59
CA LYS A 60 15.11 -1.14 -3.95
C LYS A 60 16.62 -1.27 -4.00
N LYS A 61 17.32 -0.51 -3.15
CA LYS A 61 18.77 -0.56 -3.14
CA LYS A 61 18.77 -0.55 -3.08
C LYS A 61 19.26 -1.93 -2.67
N ILE A 62 18.58 -2.54 -1.70
CA ILE A 62 18.95 -3.94 -1.35
C ILE A 62 18.76 -4.84 -2.56
N MET A 63 17.62 -4.71 -3.24
CA MET A 63 17.34 -5.53 -4.44
C MET A 63 18.46 -5.45 -5.48
N LYS A 64 19.04 -4.26 -5.66
CA LYS A 64 20.12 -4.02 -6.65
C LYS A 64 21.52 -4.03 -6.06
N ASN A 65 21.69 -4.56 -4.86
CA ASN A 65 23.01 -4.53 -4.26
C ASN A 65 23.96 -5.58 -4.82
N VAL D 4 -16.59 -26.36 -0.03
CA VAL D 4 -15.19 -25.88 -0.25
C VAL D 4 -15.18 -24.38 -0.57
N ARG D 5 -14.88 -23.55 0.42
CA ARG D 5 -14.52 -22.15 0.10
C ARG D 5 -13.11 -22.19 -0.48
N LYS D 6 -12.83 -21.26 -1.38
CA LYS D 6 -11.52 -21.18 -1.97
C LYS D 6 -10.50 -21.00 -0.84
N PRO D 7 -9.33 -21.63 -0.96
CA PRO D 7 -8.27 -21.38 0.01
C PRO D 7 -7.87 -19.91 -0.04
N ARG D 8 -7.53 -19.34 1.10
CA ARG D 8 -7.23 -17.91 1.18
C ARG D 8 -5.86 -17.64 0.55
N THR D 9 -5.87 -16.75 -0.42
CA THR D 9 -4.65 -16.30 -1.05
C THR D 9 -3.77 -15.55 -0.04
N ILE D 10 -2.49 -15.93 0.02
CA ILE D 10 -1.49 -15.19 0.78
C ILE D 10 -0.71 -14.37 -0.26
N TYR D 11 -0.93 -13.08 -0.32
CA TYR D 11 -0.23 -12.26 -1.32
C TYR D 11 1.23 -12.06 -0.93
N SER D 12 2.12 -12.05 -1.93
CA SER D 12 3.50 -11.66 -1.72
C SER D 12 3.57 -10.13 -1.60
N SER D 13 4.64 -9.64 -1.00
CA SER D 13 4.91 -8.19 -0.95
CA SER D 13 4.96 -8.21 -0.95
C SER D 13 5.02 -7.58 -2.36
N PHE D 14 5.55 -8.32 -3.31
CA PHE D 14 5.63 -7.86 -4.70
C PHE D 14 4.24 -7.69 -5.31
N GLN D 15 3.33 -8.61 -5.04
CA GLN D 15 1.96 -8.51 -5.54
C GLN D 15 1.20 -7.35 -4.84
N LEU D 16 1.36 -7.24 -3.53
CA LEU D 16 0.57 -6.22 -2.80
C LEU D 16 1.01 -4.82 -3.25
N ALA D 17 2.31 -4.68 -3.43
CA ALA D 17 2.92 -3.39 -3.84
C ALA D 17 2.42 -2.97 -5.23
N ALA D 18 2.32 -3.93 -6.15
CA ALA D 18 1.84 -3.68 -7.50
C ALA D 18 0.38 -3.30 -7.50
N LEU D 19 -0.41 -3.99 -6.68
CA LEU D 19 -1.83 -3.74 -6.62
C LEU D 19 -2.11 -2.37 -5.96
N GLN D 20 -1.36 -2.10 -4.92
CA GLN D 20 -1.48 -0.83 -4.17
C GLN D 20 -1.03 0.38 -4.98
N ARG D 21 0.05 0.21 -5.74
CA ARG D 21 0.56 1.29 -6.62
C ARG D 21 -0.50 1.59 -7.69
N ARG D 22 -1.08 0.54 -8.28
CA ARG D 22 -2.11 0.74 -9.28
C ARG D 22 -3.35 1.39 -8.71
N PHE D 23 -3.73 1.01 -7.48
CA PHE D 23 -4.93 1.58 -6.81
C PHE D 23 -4.75 3.10 -6.60
N GLN D 24 -3.53 3.55 -6.45
CA GLN D 24 -3.28 5.01 -6.38
C GLN D 24 -3.72 5.70 -7.68
N LYS D 25 -3.53 5.05 -8.81
CA LYS D 25 -3.82 5.68 -10.09
C LYS D 25 -5.28 5.50 -10.45
N THR D 26 -5.82 4.31 -10.21
CA THR D 26 -7.19 4.03 -10.60
C THR D 26 -7.79 3.06 -9.60
N GLN D 27 -8.99 3.38 -9.14
CA GLN D 27 -9.71 2.57 -8.15
C GLN D 27 -10.63 1.54 -8.78
N TYR D 28 -10.97 1.73 -10.06
CA TYR D 28 -11.67 0.70 -10.88
C TYR D 28 -10.83 0.29 -12.08
N LEU D 29 -10.81 -1.00 -12.38
CA LEU D 29 -10.04 -1.48 -13.53
C LEU D 29 -10.93 -1.69 -14.74
N ALA D 30 -10.41 -1.36 -15.92
CA ALA D 30 -11.02 -1.82 -17.17
C ALA D 30 -10.67 -3.30 -17.34
N LEU D 31 -11.51 -4.02 -18.08
CA LEU D 31 -11.30 -5.46 -18.28
C LEU D 31 -9.95 -5.80 -18.92
N PRO D 32 -9.56 -5.07 -19.99
CA PRO D 32 -8.18 -5.34 -20.53
C PRO D 32 -7.08 -5.07 -19.50
N GLU D 33 -7.21 -3.97 -18.77
CA GLU D 33 -6.28 -3.63 -17.70
C GLU D 33 -6.21 -4.73 -16.60
N ARG D 34 -7.38 -5.23 -16.21
CA ARG D 34 -7.47 -6.29 -15.20
CA ARG D 34 -7.44 -6.28 -15.19
C ARG D 34 -6.74 -7.56 -15.63
N ALA D 35 -6.95 -7.97 -16.87
CA ALA D 35 -6.29 -9.22 -17.35
C ALA D 35 -4.78 -9.04 -17.34
N GLU D 36 -4.31 -7.86 -17.77
CA GLU D 36 -2.87 -7.59 -17.85
C GLU D 36 -2.19 -7.52 -16.47
N LEU D 37 -2.87 -6.89 -15.51
CA LEU D 37 -2.34 -6.77 -14.17
C LEU D 37 -2.32 -8.17 -13.52
N ALA D 38 -3.43 -8.89 -13.62
CA ALA D 38 -3.53 -10.24 -13.08
C ALA D 38 -2.40 -11.12 -13.59
N ALA D 39 -2.30 -11.24 -14.91
CA ALA D 39 -1.25 -12.04 -15.57
C ALA D 39 0.15 -11.61 -15.12
N SER D 40 0.42 -10.30 -15.15
CA SER D 40 1.75 -9.79 -14.74
C SER D 40 2.14 -10.13 -13.30
N LEU D 41 1.16 -10.36 -12.43
CA LEU D 41 1.39 -10.72 -11.04
C LEU D 41 1.17 -12.17 -10.71
N GLY D 42 0.83 -13.01 -11.69
CA GLY D 42 0.61 -14.44 -11.44
C GLY D 42 -0.65 -14.73 -10.65
N LEU D 43 -1.65 -13.89 -10.84
CA LEU D 43 -2.91 -14.03 -10.15
C LEU D 43 -3.99 -14.28 -11.17
N THR D 44 -5.16 -14.70 -10.67
CA THR D 44 -6.37 -14.78 -11.47
C THR D 44 -7.06 -13.43 -11.54
N GLN D 45 -7.88 -13.25 -12.55
CA GLN D 45 -8.65 -12.01 -12.66
C GLN D 45 -9.64 -11.88 -11.54
N THR D 46 -10.24 -13.00 -11.10
CA THR D 46 -11.06 -12.93 -9.92
C THR D 46 -10.29 -12.47 -8.68
N GLN D 47 -9.07 -12.98 -8.44
CA GLN D 47 -8.31 -12.55 -7.27
C GLN D 47 -8.11 -11.02 -7.33
N VAL D 48 -7.67 -10.52 -8.48
CA VAL D 48 -7.52 -9.07 -8.67
C VAL D 48 -8.84 -8.32 -8.48
N LYS D 49 -9.91 -8.80 -9.08
CA LYS D 49 -11.24 -8.15 -8.98
C LYS D 49 -11.68 -7.98 -7.53
N ILE D 50 -11.57 -9.07 -6.77
CA ILE D 50 -11.93 -9.10 -5.35
C ILE D 50 -11.07 -8.18 -4.48
N TRP D 51 -9.76 -8.15 -4.76
CA TRP D 51 -8.83 -7.27 -4.08
C TRP D 51 -9.28 -5.81 -4.24
N PHE D 52 -9.59 -5.41 -5.47
CA PHE D 52 -10.11 -4.07 -5.71
C PHE D 52 -11.48 -3.86 -5.05
N GLN D 53 -12.35 -4.87 -5.07
CA GLN D 53 -13.62 -4.74 -4.28
C GLN D 53 -13.35 -4.39 -2.83
N ASN D 54 -12.46 -5.16 -2.22
CA ASN D 54 -12.22 -5.07 -0.81
C ASN D 54 -11.50 -3.75 -0.49
N LYS D 55 -10.53 -3.38 -1.32
CA LYS D 55 -9.80 -2.10 -1.11
C LYS D 55 -10.74 -0.92 -1.20
N ARG D 56 -11.58 -0.90 -2.22
CA ARG D 56 -12.60 0.15 -2.28
C ARG D 56 -13.48 0.22 -1.03
N SER D 57 -13.93 -0.94 -0.51
CA SER D 57 -14.71 -0.94 0.68
C SER D 57 -13.97 -0.36 1.89
N LYS D 58 -12.70 -0.73 2.05
CA LYS D 58 -11.85 -0.20 3.11
C LYS D 58 -11.74 1.34 3.04
N ILE D 59 -11.45 1.85 1.86
CA ILE D 59 -11.26 3.29 1.70
C ILE D 59 -12.54 3.99 2.08
N LYS D 60 -13.67 3.49 1.57
CA LYS D 60 -14.98 4.08 1.92
C LYS D 60 -15.21 4.10 3.41
N LYS D 61 -14.74 3.07 4.12
CA LYS D 61 -14.90 3.03 5.57
C LYS D 61 -14.06 4.08 6.26
N ILE D 62 -12.84 4.26 5.77
CA ILE D 62 -11.97 5.30 6.31
C ILE D 62 -12.62 6.67 6.10
N MET D 63 -13.27 6.84 4.95
CA MET D 63 -13.83 8.14 4.52
CA MET D 63 -13.82 8.14 4.53
C MET D 63 -15.14 8.46 5.22
N LYS D 64 -15.76 7.45 5.84
CA LYS D 64 -16.92 7.65 6.72
C LYS D 64 -16.42 8.08 8.10
N ASN D 65 -15.16 7.72 8.41
CA ASN D 65 -14.46 8.15 9.63
C ASN D 65 -15.01 7.53 10.92
#